data_4ILL
#
_entry.id   4ILL
#
_cell.length_a   159.735
_cell.length_b   68.542
_cell.length_c   79.831
_cell.angle_alpha   90.00
_cell.angle_beta   119.12
_cell.angle_gamma   90.00
#
_symmetry.space_group_name_H-M   'C 1 2 1'
#
loop_
_entity.id
_entity.type
_entity.pdbx_description
1 polymer 'CRISPR-associated endoribonuclease Cas6 2'
2 polymer "RNA (5'-R(*GP*CP*UP*AP*AP*UP*CP*UP*AP*CP*UP*AP*UP*AP*GP*AP*AP*UP*UP*GP*AP*AP*AP*G)-3')"
3 water water
#
loop_
_entity_poly.entity_id
_entity_poly.type
_entity_poly.pdbx_seq_one_letter_code
_entity_poly.pdbx_strand_id
1 'polypeptide(L)'
;MPLIFKIGYNVIPLQDVILPTPSSKVLKYLIQSGKLIPSLKDLITSRDKYKPIFISHLGFNQRRIFQTNGNLKTITKGSR
LSSIIAFSTQANVLSEVADEGIFETVYGKFHIMIESIEIVEVEKLKEEVEKHMNDNIRVRFVSPTLLSSKVLLPPSLSER
YKKIHAGYSTLPSVGLIVAYAYNVYCNLIGKKEVEVRAFKFGILSNALSRIIGYDLHPVTVAIGEDSKGNLRKARGVMGW
IEFDIPDERLKRRALNYLLTSSYLGIGRSRGIGFGEIRLEFRKIEEKEG
;
A,B
2 'polyribonucleotide' GCUAAUCUACUAUAGAAUUGAAAG R,C
#
# COMPACT_ATOMS: atom_id res chain seq x y z
N MET A 1 -12.52 19.41 27.67
CA MET A 1 -13.28 19.54 26.44
C MET A 1 -12.68 20.57 25.48
N PRO A 2 -11.73 20.12 24.63
CA PRO A 2 -11.13 20.99 23.62
C PRO A 2 -12.00 21.11 22.37
N LEU A 3 -11.79 22.18 21.58
CA LEU A 3 -12.64 22.47 20.42
C LEU A 3 -11.82 22.63 19.15
N ILE A 4 -12.46 22.37 18.01
CA ILE A 4 -11.86 22.60 16.71
C ILE A 4 -12.66 23.65 15.94
N PHE A 5 -11.96 24.66 15.44
CA PHE A 5 -12.56 25.71 14.64
C PHE A 5 -12.24 25.45 13.18
N LYS A 6 -13.26 25.50 12.32
CA LYS A 6 -13.09 25.39 10.88
C LYS A 6 -13.73 26.58 10.18
N ILE A 7 -12.90 27.43 9.61
CA ILE A 7 -13.37 28.63 8.93
C ILE A 7 -13.12 28.51 7.43
N GLY A 8 -14.18 28.64 6.64
CA GLY A 8 -14.06 28.69 5.20
C GLY A 8 -14.06 30.13 4.77
N TYR A 9 -13.11 30.47 3.87
CA TYR A 9 -12.89 31.83 3.42
C TYR A 9 -13.03 31.92 1.92
N ASN A 10 -13.48 33.09 1.45
CA ASN A 10 -13.34 33.45 0.06
C ASN A 10 -12.22 34.47 -0.02
N VAL A 11 -11.27 34.23 -0.92
CA VAL A 11 -10.10 35.06 -1.06
C VAL A 11 -10.10 35.60 -2.48
N ILE A 12 -10.21 36.92 -2.59
CA ILE A 12 -10.23 37.55 -3.90
C ILE A 12 -9.07 38.52 -4.02
N PRO A 13 -8.21 38.31 -5.03
CA PRO A 13 -7.04 39.15 -5.32
C PRO A 13 -7.50 40.45 -5.95
N LEU A 14 -7.17 41.59 -5.37
CA LEU A 14 -7.62 42.88 -5.91
C LEU A 14 -6.76 43.37 -7.09
N GLN A 15 -5.99 42.45 -7.67
CA GLN A 15 -5.14 42.73 -8.81
C GLN A 15 -4.69 41.41 -9.41
N ASP A 16 -4.12 41.44 -10.61
CA ASP A 16 -3.55 40.24 -11.19
C ASP A 16 -2.39 39.82 -10.29
N VAL A 17 -2.39 38.55 -9.90
CA VAL A 17 -1.41 38.06 -8.93
C VAL A 17 -0.89 36.68 -9.33
N ILE A 18 0.37 36.44 -8.98
CA ILE A 18 0.97 35.11 -9.11
C ILE A 18 1.19 34.58 -7.69
N LEU A 19 0.63 33.39 -7.44
CA LEU A 19 0.55 32.88 -6.07
C LEU A 19 1.89 32.36 -5.57
N PRO A 20 2.16 32.55 -4.27
CA PRO A 20 3.40 32.05 -3.66
C PRO A 20 3.37 30.54 -3.51
N THR A 21 4.53 29.94 -3.30
CA THR A 21 4.64 28.50 -3.10
C THR A 21 5.05 28.21 -1.67
N PRO A 22 4.17 27.53 -0.91
CA PRO A 22 2.83 27.09 -1.33
C PRO A 22 1.78 28.18 -1.12
N SER A 23 0.57 27.98 -1.65
CA SER A 23 -0.47 29.02 -1.61
C SER A 23 -0.84 29.45 -0.20
N SER A 24 -0.83 28.49 0.72
CA SER A 24 -1.24 28.72 2.10
C SER A 24 -0.55 29.93 2.73
N LYS A 25 0.65 30.22 2.22
CA LYS A 25 1.51 31.26 2.77
C LYS A 25 0.72 32.56 2.86
N VAL A 26 -0.09 32.85 1.84
CA VAL A 26 -0.81 34.12 1.81
C VAL A 26 -1.60 34.26 3.09
N LEU A 27 -2.45 33.28 3.35
CA LEU A 27 -3.35 33.43 4.49
C LEU A 27 -2.50 33.32 5.76
N LYS A 28 -1.43 32.51 5.69
CA LYS A 28 -0.55 32.29 6.82
C LYS A 28 0.00 33.65 7.17
N TYR A 29 0.40 34.41 6.15
CA TYR A 29 1.00 35.72 6.37
C TYR A 29 0.06 36.58 7.20
N LEU A 30 -1.23 36.56 6.83
CA LEU A 30 -2.21 37.42 7.47
C LEU A 30 -2.28 37.07 8.96
N ILE A 31 -2.21 35.78 9.27
CA ILE A 31 -2.28 35.36 10.67
C ILE A 31 -0.96 35.71 11.36
N GLN A 32 0.14 35.56 10.63
CA GLN A 32 1.47 35.85 11.16
C GLN A 32 1.59 37.34 11.46
N SER A 33 1.11 38.16 10.54
CA SER A 33 1.18 39.61 10.68
C SER A 33 0.11 40.09 11.66
N GLY A 34 -0.64 39.18 12.24
CA GLY A 34 -1.65 39.51 13.22
C GLY A 34 -2.85 40.24 12.63
N LYS A 35 -2.91 40.31 11.30
CA LYS A 35 -4.03 40.94 10.61
C LYS A 35 -5.37 40.22 10.79
N LEU A 36 -5.33 38.91 10.86
CA LEU A 36 -6.54 38.15 11.17
C LEU A 36 -6.25 36.97 12.09
N ILE A 37 -7.08 36.82 13.11
CA ILE A 37 -6.89 35.86 14.18
C ILE A 37 -5.45 35.89 14.72
N PRO A 38 -5.04 37.03 15.31
CA PRO A 38 -3.65 37.16 15.76
C PRO A 38 -3.31 36.16 16.86
N SER A 39 -4.32 35.72 17.63
CA SER A 39 -4.09 34.80 18.73
C SER A 39 -3.91 33.35 18.24
N LEU A 40 -3.39 33.21 17.02
CA LEU A 40 -2.97 31.92 16.49
C LEU A 40 -1.50 32.01 16.17
N LYS A 41 -0.91 33.17 16.47
CA LYS A 41 0.49 33.42 16.13
C LYS A 41 1.36 32.26 16.63
N ASP A 42 1.21 31.93 17.91
CA ASP A 42 1.97 30.85 18.52
C ASP A 42 1.80 29.58 17.71
N LEU A 43 0.55 29.22 17.43
CA LEU A 43 0.24 27.97 16.75
C LEU A 43 0.87 27.94 15.35
N ILE A 44 0.91 29.09 14.69
CA ILE A 44 1.49 29.15 13.34
C ILE A 44 3.00 29.00 13.45
N THR A 45 3.57 29.58 14.50
CA THR A 45 5.02 29.57 14.70
C THR A 45 5.57 28.29 15.35
N SER A 46 4.71 27.56 16.06
CA SER A 46 5.16 26.39 16.82
C SER A 46 5.91 25.38 15.95
N ARG A 47 6.94 24.76 16.50
CA ARG A 47 7.68 23.75 15.75
C ARG A 47 7.31 22.39 16.32
N ASP A 48 6.25 22.37 17.11
CA ASP A 48 5.82 21.16 17.82
C ASP A 48 5.26 20.12 16.88
N LYS A 49 5.56 18.85 17.16
CA LYS A 49 5.15 17.73 16.32
C LYS A 49 3.63 17.55 16.29
N TYR A 50 3.09 17.34 15.09
CA TYR A 50 1.68 17.02 14.92
C TYR A 50 0.76 18.11 15.48
N LYS A 51 1.17 19.37 15.34
CA LYS A 51 0.40 20.48 15.89
C LYS A 51 -0.93 20.62 15.17
N PRO A 52 -2.00 20.88 15.93
CA PRO A 52 -3.37 20.91 15.41
C PRO A 52 -3.68 22.24 14.73
N ILE A 53 -3.04 22.46 13.58
CA ILE A 53 -3.41 23.58 12.73
C ILE A 53 -3.21 23.18 11.28
N PHE A 54 -4.21 23.51 10.46
CA PHE A 54 -4.18 23.24 9.05
C PHE A 54 -4.61 24.49 8.34
N ILE A 55 -3.78 24.99 7.45
CA ILE A 55 -4.17 26.10 6.60
C ILE A 55 -3.95 25.68 5.15
N SER A 56 -5.07 25.61 4.41
CA SER A 56 -5.07 24.95 3.12
C SER A 56 -4.37 25.74 2.01
N HIS A 57 -4.17 25.08 0.88
CA HIS A 57 -3.76 25.78 -0.32
C HIS A 57 -5.01 26.48 -0.79
N LEU A 58 -4.86 27.53 -1.60
CA LEU A 58 -6.04 28.16 -2.17
C LEU A 58 -6.64 27.25 -3.21
N GLY A 59 -7.97 27.18 -3.20
CA GLY A 59 -8.68 26.35 -4.14
C GLY A 59 -9.34 27.22 -5.19
N PHE A 60 -9.40 26.71 -6.41
CA PHE A 60 -10.10 27.39 -7.49
C PHE A 60 -11.04 26.35 -8.05
N ASN A 61 -12.27 26.79 -8.36
CA ASN A 61 -13.38 25.86 -8.56
C ASN A 61 -13.55 25.05 -7.27
N GLN A 62 -13.49 23.72 -7.40
CA GLN A 62 -13.66 22.82 -6.26
C GLN A 62 -12.46 21.91 -6.08
N ARG A 63 -11.30 22.36 -6.56
CA ARG A 63 -10.06 21.61 -6.49
C ARG A 63 -8.95 22.54 -6.03
N ARG A 64 -8.09 22.07 -5.13
CA ARG A 64 -6.99 22.89 -4.66
C ARG A 64 -6.07 23.15 -5.83
N ILE A 65 -5.44 24.32 -5.85
CA ILE A 65 -4.59 24.64 -6.98
C ILE A 65 -3.32 23.83 -6.85
N PHE A 66 -3.14 22.92 -7.79
CA PHE A 66 -2.00 22.01 -7.79
C PHE A 66 -0.82 22.71 -8.43
N GLN A 67 0.28 22.81 -7.70
CA GLN A 67 1.47 23.50 -8.20
C GLN A 67 2.60 22.52 -8.53
N LYS A 73 1.26 31.18 -14.67
CA LYS A 73 0.33 30.77 -13.62
C LYS A 73 -0.17 31.96 -12.79
N THR A 74 -0.29 33.12 -13.42
CA THR A 74 -0.78 34.30 -12.69
C THR A 74 -2.29 34.13 -12.58
N ILE A 75 -2.89 34.84 -11.63
CA ILE A 75 -4.33 34.72 -11.39
C ILE A 75 -4.95 36.08 -11.63
N THR A 76 -6.10 36.09 -12.32
CA THR A 76 -6.69 37.35 -12.76
C THR A 76 -7.31 38.09 -11.58
N LYS A 77 -7.46 39.40 -11.75
CA LYS A 77 -7.98 40.28 -10.71
C LYS A 77 -9.36 39.87 -10.20
N GLY A 78 -10.15 39.27 -11.09
CA GLY A 78 -11.50 38.89 -10.73
C GLY A 78 -11.63 37.63 -9.90
N SER A 79 -10.66 36.72 -10.00
CA SER A 79 -10.84 35.33 -9.59
C SER A 79 -11.31 35.14 -8.16
N ARG A 80 -12.17 34.16 -7.96
CA ARG A 80 -12.69 33.86 -6.63
C ARG A 80 -12.03 32.60 -6.09
N LEU A 81 -11.12 32.78 -5.14
CA LEU A 81 -10.35 31.66 -4.63
C LEU A 81 -11.00 31.23 -3.32
N SER A 82 -10.74 30.01 -2.89
CA SER A 82 -11.32 29.51 -1.66
C SER A 82 -10.21 29.08 -0.71
N SER A 83 -10.49 29.15 0.57
CA SER A 83 -9.53 28.66 1.56
C SER A 83 -10.25 28.04 2.73
N ILE A 84 -9.53 27.20 3.45
CA ILE A 84 -10.06 26.57 4.65
C ILE A 84 -8.98 26.61 5.72
N ILE A 85 -9.37 26.93 6.95
CA ILE A 85 -8.43 26.90 8.05
C ILE A 85 -9.09 26.11 9.17
N ALA A 86 -8.37 25.16 9.74
CA ALA A 86 -8.88 24.41 10.88
C ALA A 86 -7.82 24.43 11.97
N PHE A 87 -8.25 24.50 13.22
CA PHE A 87 -7.30 24.54 14.32
C PHE A 87 -7.92 24.27 15.67
N SER A 88 -7.08 23.94 16.64
CA SER A 88 -7.51 23.83 18.03
C SER A 88 -6.50 24.52 18.92
N THR A 89 -6.99 25.37 19.80
CA THR A 89 -6.12 26.09 20.72
C THR A 89 -6.82 26.30 22.05
N GLN A 90 -6.03 26.41 23.11
CA GLN A 90 -6.57 26.64 24.44
C GLN A 90 -6.80 28.13 24.60
N ALA A 91 -6.20 28.91 23.70
CA ALA A 91 -6.33 30.35 23.72
C ALA A 91 -7.78 30.76 23.48
N ASN A 92 -8.12 31.96 23.95
CA ASN A 92 -9.46 32.48 23.73
C ASN A 92 -9.34 33.17 22.38
N VAL A 93 -10.07 32.68 21.39
CA VAL A 93 -9.90 33.13 20.03
C VAL A 93 -11.26 33.55 19.51
N LEU A 94 -12.26 33.39 20.38
CA LEU A 94 -13.67 33.56 20.02
C LEU A 94 -14.04 34.92 19.41
N SER A 95 -13.49 36.00 19.95
CA SER A 95 -13.80 37.33 19.42
C SER A 95 -13.16 37.54 18.04
N GLU A 96 -12.01 36.89 17.83
CA GLU A 96 -11.19 37.09 16.63
C GLU A 96 -11.63 36.31 15.38
N VAL A 97 -12.38 35.23 15.56
CA VAL A 97 -12.62 34.28 14.46
C VAL A 97 -13.41 34.89 13.30
N ALA A 98 -14.17 35.95 13.58
CA ALA A 98 -15.00 36.57 12.56
C ALA A 98 -14.23 37.61 11.75
N ASP A 99 -12.92 37.67 11.99
CA ASP A 99 -12.04 38.63 11.30
C ASP A 99 -12.08 38.47 9.78
N GLU A 100 -12.21 39.60 9.08
CA GLU A 100 -12.18 39.64 7.62
C GLU A 100 -11.92 41.06 7.14
N GLY A 101 -11.81 41.22 5.83
CA GLY A 101 -11.66 42.54 5.26
C GLY A 101 -10.71 42.61 4.09
N ILE A 102 -10.31 43.83 3.76
CA ILE A 102 -9.33 44.07 2.71
C ILE A 102 -7.95 44.08 3.36
N PHE A 103 -7.00 43.43 2.72
CA PHE A 103 -5.65 43.36 3.27
C PHE A 103 -4.56 43.51 2.21
N GLU A 104 -3.44 44.06 2.65
CA GLU A 104 -2.28 44.22 1.79
C GLU A 104 -1.26 43.20 2.27
N THR A 105 -0.78 42.40 1.33
CA THR A 105 0.23 41.39 1.62
C THR A 105 1.35 41.58 0.62
N VAL A 106 2.47 40.94 0.88
CA VAL A 106 3.65 41.04 0.02
C VAL A 106 3.31 40.54 -1.36
N TYR A 107 2.44 39.53 -1.42
CA TYR A 107 2.05 38.92 -2.69
C TYR A 107 1.05 39.79 -3.45
N GLY A 108 0.40 40.70 -2.73
CA GLY A 108 -0.51 41.64 -3.36
C GLY A 108 -1.68 41.99 -2.46
N LYS A 109 -2.68 42.65 -3.02
CA LYS A 109 -3.85 43.02 -2.25
C LYS A 109 -4.92 41.96 -2.40
N PHE A 110 -5.62 41.68 -1.31
CA PHE A 110 -6.64 40.65 -1.33
C PHE A 110 -7.86 41.07 -0.53
N HIS A 111 -9.03 40.61 -0.99
CA HIS A 111 -10.26 40.81 -0.25
C HIS A 111 -10.62 39.47 0.36
N ILE A 112 -10.60 39.41 1.69
CA ILE A 112 -10.91 38.18 2.41
C ILE A 112 -12.33 38.29 2.97
N MET A 113 -13.17 37.34 2.59
CA MET A 113 -14.56 37.31 3.04
C MET A 113 -14.85 35.94 3.61
N ILE A 114 -15.42 35.90 4.82
CA ILE A 114 -15.76 34.63 5.44
C ILE A 114 -16.93 34.01 4.69
N GLU A 115 -16.84 32.71 4.43
CA GLU A 115 -17.94 31.96 3.86
C GLU A 115 -18.59 31.10 4.93
N SER A 116 -17.79 30.61 5.87
CA SER A 116 -18.33 29.70 6.87
C SER A 116 -17.51 29.67 8.15
N ILE A 117 -18.18 29.34 9.26
CA ILE A 117 -17.52 29.10 10.54
C ILE A 117 -18.22 27.93 11.20
N GLU A 118 -17.44 26.94 11.61
CA GLU A 118 -17.96 25.74 12.26
C GLU A 118 -17.14 25.48 13.52
N ILE A 119 -17.82 25.18 14.62
CA ILE A 119 -17.14 24.90 15.86
C ILE A 119 -17.52 23.51 16.34
N VAL A 120 -16.53 22.69 16.62
CA VAL A 120 -16.73 21.28 16.87
C VAL A 120 -16.19 20.92 18.25
N GLU A 121 -17.00 20.27 19.07
CA GLU A 121 -16.50 19.71 20.33
C GLU A 121 -16.03 18.29 20.07
N VAL A 122 -14.80 17.99 20.46
CA VAL A 122 -14.19 16.71 20.09
C VAL A 122 -14.91 15.55 20.77
N GLU A 123 -15.48 15.80 21.96
CA GLU A 123 -16.23 14.78 22.67
C GLU A 123 -17.48 14.42 21.88
N LYS A 124 -18.06 15.40 21.21
CA LYS A 124 -19.29 15.18 20.47
C LYS A 124 -19.00 14.45 19.16
N LEU A 125 -17.73 14.47 18.74
CA LEU A 125 -17.31 13.76 17.53
C LEU A 125 -17.41 12.26 17.72
N LYS A 126 -17.24 11.81 18.96
CA LYS A 126 -17.40 10.41 19.32
C LYS A 126 -18.83 9.94 19.02
N GLU A 127 -19.79 10.84 19.18
CA GLU A 127 -21.19 10.52 18.95
C GLU A 127 -21.42 10.18 17.48
N GLU A 128 -20.69 10.87 16.60
CA GLU A 128 -20.78 10.61 15.17
C GLU A 128 -20.24 9.24 14.76
N VAL A 129 -19.26 8.73 15.50
CA VAL A 129 -18.60 7.47 15.15
C VAL A 129 -19.60 6.32 15.01
N GLU A 130 -20.52 6.23 15.97
CA GLU A 130 -21.42 5.08 16.06
C GLU A 130 -22.34 4.90 14.85
N LYS A 131 -22.64 6.00 14.16
CA LYS A 131 -23.53 5.93 13.00
C LYS A 131 -22.79 5.38 11.78
N HIS A 132 -21.47 5.25 11.89
CA HIS A 132 -20.63 4.81 10.78
C HIS A 132 -19.96 3.47 11.04
N MET A 133 -20.32 2.79 12.13
CA MET A 133 -19.65 1.55 12.49
C MET A 133 -19.96 0.39 11.54
N ASN A 134 -20.86 0.62 10.59
CA ASN A 134 -21.20 -0.37 9.58
C ASN A 134 -21.05 0.15 8.15
N ASP A 135 -20.18 1.13 7.98
CA ASP A 135 -19.90 1.66 6.64
C ASP A 135 -18.45 1.38 6.26
N ASN A 136 -18.18 1.35 4.96
CA ASN A 136 -16.81 1.32 4.49
C ASN A 136 -16.29 2.74 4.56
N ILE A 137 -14.99 2.85 4.87
CA ILE A 137 -14.37 4.14 5.09
C ILE A 137 -13.56 4.48 3.85
N ARG A 138 -13.83 5.65 3.29
CA ARG A 138 -13.10 6.11 2.12
C ARG A 138 -12.36 7.38 2.51
N VAL A 139 -11.03 7.34 2.42
CA VAL A 139 -10.23 8.53 2.67
C VAL A 139 -9.79 9.07 1.32
N ARG A 140 -10.09 10.34 1.08
CA ARG A 140 -9.74 10.96 -0.19
C ARG A 140 -8.76 12.10 0.04
N PHE A 141 -7.62 12.02 -0.63
CA PHE A 141 -6.57 13.03 -0.49
C PHE A 141 -6.78 14.11 -1.56
N VAL A 142 -7.21 15.29 -1.12
CA VAL A 142 -7.54 16.37 -2.05
C VAL A 142 -6.42 17.41 -2.13
N SER A 143 -5.41 17.27 -1.27
CA SER A 143 -4.14 17.97 -1.45
C SER A 143 -3.07 16.88 -1.31
N PRO A 144 -1.88 17.12 -1.88
CA PRO A 144 -0.83 16.09 -1.81
C PRO A 144 -0.52 15.72 -0.37
N THR A 145 -0.53 14.43 -0.06
CA THR A 145 -0.35 13.97 1.31
C THR A 145 1.02 13.33 1.50
N LEU A 146 1.72 13.77 2.55
CA LEU A 146 3.10 13.36 2.82
C LEU A 146 3.13 12.46 4.05
N LEU A 147 3.23 11.16 3.84
CA LEU A 147 3.22 10.20 4.96
C LEU A 147 4.58 9.55 5.12
N SER A 148 5.27 9.84 6.22
CA SER A 148 6.58 9.23 6.48
C SER A 148 6.42 7.78 6.92
N SER A 149 7.13 6.87 6.25
CA SER A 149 7.07 5.45 6.55
C SER A 149 7.57 5.12 7.96
N LYS A 150 8.55 5.89 8.43
CA LYS A 150 9.14 5.63 9.74
C LYS A 150 8.15 5.88 10.89
N VAL A 151 6.95 6.35 10.55
CA VAL A 151 5.88 6.50 11.54
C VAL A 151 5.49 5.10 12.05
N LEU A 152 5.78 4.08 11.24
CA LEU A 152 5.54 2.71 11.68
C LEU A 152 6.87 1.96 11.93
N LEU A 153 7.93 2.72 12.19
CA LEU A 153 9.19 2.13 12.63
C LEU A 153 9.06 1.74 14.09
N PRO A 154 9.57 0.56 14.45
CA PRO A 154 9.61 0.22 15.87
C PRO A 154 10.46 1.25 16.61
N PRO A 155 9.88 1.91 17.62
CA PRO A 155 10.46 3.08 18.30
C PRO A 155 11.82 2.80 18.93
N SER A 156 12.09 1.54 19.28
CA SER A 156 13.38 1.18 19.85
C SER A 156 14.50 1.35 18.81
N LEU A 157 14.12 1.34 17.54
CA LEU A 157 15.06 1.43 16.43
C LEU A 157 15.24 2.87 15.95
N SER A 158 14.63 3.81 16.67
CA SER A 158 14.61 5.22 16.26
C SER A 158 16.02 5.82 16.14
N GLU A 159 16.83 5.73 17.20
CA GLU A 159 18.23 6.18 17.13
C GLU A 159 19.03 5.47 16.03
N ARG A 160 18.87 4.16 15.95
CA ARG A 160 19.62 3.33 15.00
C ARG A 160 19.49 3.77 13.54
N TYR A 161 18.28 4.10 13.12
CA TYR A 161 18.01 4.43 11.72
C TYR A 161 17.69 5.90 11.48
N LYS A 162 18.20 6.76 12.36
CA LYS A 162 17.96 8.20 12.29
C LYS A 162 18.38 8.79 10.95
N LYS A 163 19.54 8.35 10.45
CA LYS A 163 20.12 8.87 9.22
C LYS A 163 19.58 8.21 7.97
N ILE A 164 18.62 7.30 8.11
CA ILE A 164 18.02 6.68 6.95
C ILE A 164 16.83 7.51 6.50
N HIS A 165 16.85 7.91 5.23
CA HIS A 165 15.77 8.74 4.68
C HIS A 165 14.86 7.91 3.78
N ALA A 166 13.85 7.30 4.39
CA ALA A 166 12.90 6.50 3.66
C ALA A 166 12.01 7.41 2.83
N GLY A 167 11.71 8.58 3.39
CA GLY A 167 10.89 9.55 2.69
C GLY A 167 9.41 9.27 2.87
N TYR A 168 8.61 9.66 1.88
CA TYR A 168 7.16 9.56 2.01
C TYR A 168 6.61 8.40 1.22
N SER A 169 5.68 7.66 1.83
CA SER A 169 5.05 6.56 1.15
C SER A 169 4.07 7.10 0.13
N THR A 170 4.32 6.80 -1.14
CA THR A 170 3.40 7.20 -2.20
C THR A 170 2.32 6.14 -2.31
N LEU A 171 2.43 5.14 -1.43
CA LEU A 171 1.48 4.03 -1.40
C LEU A 171 1.06 3.78 0.04
N PRO A 172 0.17 4.62 0.56
CA PRO A 172 -0.18 4.61 1.98
C PRO A 172 -0.92 3.35 2.40
N SER A 173 -0.50 2.76 3.50
CA SER A 173 -1.23 1.66 4.08
C SER A 173 -2.25 2.25 5.06
N VAL A 174 -3.28 1.47 5.37
CA VAL A 174 -4.29 1.89 6.33
C VAL A 174 -3.65 2.21 7.68
N GLY A 175 -2.78 1.33 8.14
CA GLY A 175 -2.09 1.50 9.40
C GLY A 175 -1.35 2.82 9.51
N LEU A 176 -0.71 3.22 8.42
CA LEU A 176 0.04 4.49 8.39
C LEU A 176 -0.92 5.68 8.53
N ILE A 177 -2.06 5.61 7.82
CA ILE A 177 -3.07 6.66 7.85
C ILE A 177 -3.62 6.84 9.28
N VAL A 178 -4.08 5.73 9.86
CA VAL A 178 -4.70 5.80 11.19
C VAL A 178 -3.69 6.06 12.31
N ALA A 179 -2.43 5.71 12.10
CA ALA A 179 -1.40 6.02 13.08
C ALA A 179 -1.10 7.51 13.06
N TYR A 180 -1.12 8.09 11.85
CA TYR A 180 -0.89 9.52 11.76
C TYR A 180 -2.05 10.30 12.41
N ALA A 181 -3.27 9.89 12.07
CA ALA A 181 -4.45 10.51 12.66
C ALA A 181 -4.40 10.37 14.18
N TYR A 182 -3.96 9.22 14.65
CA TYR A 182 -3.81 8.99 16.08
C TYR A 182 -2.81 9.95 16.71
N ASN A 183 -1.70 10.22 16.03
CA ASN A 183 -0.71 11.13 16.56
C ASN A 183 -1.26 12.56 16.69
N VAL A 184 -1.93 13.01 15.63
CA VAL A 184 -2.49 14.36 15.64
C VAL A 184 -3.60 14.47 16.71
N TYR A 185 -4.41 13.41 16.82
CA TYR A 185 -5.49 13.36 17.80
C TYR A 185 -4.95 13.40 19.22
N CYS A 186 -3.88 12.65 19.48
CA CYS A 186 -3.28 12.62 20.81
C CYS A 186 -2.71 13.97 21.19
N ASN A 187 -1.98 14.59 20.26
CA ASN A 187 -1.47 15.92 20.52
C ASN A 187 -2.59 16.92 20.76
N LEU A 188 -3.73 16.68 20.11
CA LEU A 188 -4.90 17.56 20.21
C LEU A 188 -5.43 17.62 21.64
N ILE A 189 -5.53 16.47 22.27
CA ILE A 189 -6.10 16.35 23.62
C ILE A 189 -5.06 16.27 24.73
N GLY A 190 -3.84 16.70 24.43
CA GLY A 190 -2.80 16.80 25.45
C GLY A 190 -2.27 15.47 25.96
N LYS A 191 -2.50 14.40 25.21
CA LYS A 191 -1.96 13.09 25.57
C LYS A 191 -0.55 12.90 25.02
N LYS A 192 0.39 12.60 25.92
CA LYS A 192 1.81 12.58 25.58
C LYS A 192 2.47 11.20 25.70
N GLU A 193 3.58 11.02 25.00
CA GLU A 193 4.32 9.74 24.96
C GLU A 193 3.45 8.59 24.44
N VAL A 194 3.13 8.63 23.15
CA VAL A 194 2.29 7.61 22.55
C VAL A 194 2.94 6.91 21.37
N GLU A 195 4.27 6.95 21.31
CA GLU A 195 5.03 6.40 20.18
C GLU A 195 4.69 4.93 19.98
N VAL A 196 4.79 4.18 21.08
CA VAL A 196 4.58 2.74 21.10
C VAL A 196 3.14 2.43 20.76
N ARG A 197 2.21 3.20 21.33
CA ARG A 197 0.79 2.98 21.10
C ARG A 197 0.40 3.21 19.66
N ALA A 198 0.96 4.27 19.08
CA ALA A 198 0.71 4.59 17.68
C ALA A 198 1.27 3.49 16.77
N PHE A 199 2.49 3.06 17.07
CA PHE A 199 3.14 1.99 16.31
C PHE A 199 2.30 0.71 16.32
N LYS A 200 1.93 0.25 17.51
CA LYS A 200 1.15 -0.98 17.66
C LYS A 200 -0.19 -0.84 16.96
N PHE A 201 -0.78 0.36 17.05
CA PHE A 201 -2.08 0.64 16.45
C PHE A 201 -2.02 0.52 14.94
N GLY A 202 -0.98 1.11 14.34
CA GLY A 202 -0.83 1.05 12.90
C GLY A 202 -0.53 -0.35 12.40
N ILE A 203 0.35 -1.04 13.10
CA ILE A 203 0.73 -2.39 12.71
C ILE A 203 -0.48 -3.32 12.77
N LEU A 204 -1.23 -3.25 13.86
CA LEU A 204 -2.43 -4.07 14.01
C LEU A 204 -3.45 -3.68 12.93
N SER A 205 -3.55 -2.39 12.67
CA SER A 205 -4.51 -1.91 11.69
C SER A 205 -4.23 -2.47 10.29
N ASN A 206 -3.00 -2.36 9.80
CA ASN A 206 -2.74 -2.90 8.48
C ASN A 206 -2.59 -4.42 8.44
N ALA A 207 -2.49 -5.05 9.61
CA ALA A 207 -2.61 -6.50 9.70
C ALA A 207 -4.06 -6.99 9.64
N LEU A 208 -5.00 -6.17 10.11
CA LEU A 208 -6.40 -6.60 10.20
C LEU A 208 -7.35 -5.93 9.21
N SER A 209 -6.99 -4.76 8.69
CA SER A 209 -7.91 -4.06 7.81
C SER A 209 -7.98 -4.74 6.46
N ARG A 210 -9.11 -4.56 5.77
CA ARG A 210 -9.28 -5.08 4.43
C ARG A 210 -9.50 -3.92 3.48
N ILE A 211 -8.66 -3.84 2.45
CA ILE A 211 -8.79 -2.77 1.46
C ILE A 211 -9.74 -3.16 0.35
N ILE A 212 -10.87 -2.44 0.29
CA ILE A 212 -11.94 -2.69 -0.66
C ILE A 212 -11.56 -2.22 -2.05
N GLY A 213 -11.14 -0.97 -2.15
CA GLY A 213 -10.78 -0.42 -3.46
C GLY A 213 -9.87 0.79 -3.34
N TYR A 214 -9.28 1.23 -4.44
CA TYR A 214 -8.46 2.43 -4.41
C TYR A 214 -8.20 3.04 -5.79
N ASP A 215 -7.82 4.31 -5.79
CA ASP A 215 -7.33 4.98 -6.98
C ASP A 215 -6.27 5.94 -6.51
N LEU A 216 -5.04 5.45 -6.45
CA LEU A 216 -3.94 6.18 -5.83
C LEU A 216 -2.90 6.48 -6.89
N HIS A 217 -2.34 7.69 -6.86
CA HIS A 217 -1.20 7.99 -7.70
C HIS A 217 -0.20 8.88 -7.00
N PRO A 218 1.09 8.65 -7.29
CA PRO A 218 2.18 9.48 -6.78
C PRO A 218 2.09 10.86 -7.38
N VAL A 219 2.48 11.87 -6.62
CA VAL A 219 2.41 13.24 -7.09
C VAL A 219 3.68 13.97 -6.68
N THR A 220 4.21 14.80 -7.58
CA THR A 220 5.38 15.61 -7.23
C THR A 220 4.89 16.97 -6.79
N VAL A 221 5.33 17.39 -5.62
CA VAL A 221 4.79 18.60 -4.99
C VAL A 221 5.87 19.65 -4.79
N ALA A 222 5.46 20.91 -4.88
CA ALA A 222 6.38 22.01 -4.75
C ALA A 222 6.25 22.70 -3.39
N ILE A 223 7.38 23.06 -2.81
CA ILE A 223 7.39 23.92 -1.63
C ILE A 223 8.47 25.00 -1.89
N GLY A 224 8.42 26.06 -1.09
CA GLY A 224 9.15 27.31 -1.35
C GLY A 224 10.64 27.33 -1.62
N GLU A 225 11.24 28.50 -1.44
CA GLU A 225 12.66 28.69 -1.67
C GLU A 225 13.37 29.06 -0.38
N SER A 227 15.92 29.13 3.62
CA SER A 227 15.78 29.79 2.32
C SER A 227 17.10 29.84 1.57
N LYS A 228 17.58 31.06 1.31
CA LYS A 228 18.82 31.29 0.56
C LYS A 228 18.90 30.50 -0.74
N GLY A 229 17.87 30.64 -1.56
CA GLY A 229 17.87 30.05 -2.90
C GLY A 229 17.43 28.60 -3.00
N ASN A 230 17.41 27.89 -1.88
CA ASN A 230 17.12 26.46 -1.91
C ASN A 230 15.64 26.16 -2.09
N LEU A 231 15.27 25.72 -3.29
CA LEU A 231 13.88 25.41 -3.60
C LEU A 231 13.48 24.13 -2.87
N ARG A 232 12.18 23.88 -2.72
CA ARG A 232 11.78 22.64 -2.10
C ARG A 232 10.86 21.86 -3.03
N LYS A 233 11.03 20.54 -3.03
CA LYS A 233 10.18 19.67 -3.82
C LYS A 233 10.06 18.37 -3.04
N ALA A 234 9.03 17.59 -3.32
CA ALA A 234 8.84 16.33 -2.61
C ALA A 234 7.93 15.40 -3.40
N ARG A 235 7.76 14.19 -2.89
CA ARG A 235 6.80 13.28 -3.49
C ARG A 235 5.78 12.84 -2.45
N GLY A 236 4.52 12.84 -2.84
CA GLY A 236 3.44 12.48 -1.95
C GLY A 236 2.43 11.68 -2.74
N VAL A 237 1.21 11.57 -2.22
CA VAL A 237 0.20 10.78 -2.90
C VAL A 237 -1.11 11.55 -2.99
N MET A 238 -1.85 11.32 -4.07
CA MET A 238 -3.20 11.86 -4.16
C MET A 238 -4.08 10.74 -4.68
N GLY A 239 -5.39 10.93 -4.58
CA GLY A 239 -6.34 9.91 -5.02
C GLY A 239 -7.18 9.54 -3.81
N TRP A 240 -7.70 8.32 -3.78
CA TRP A 240 -8.50 7.88 -2.64
C TRP A 240 -8.31 6.40 -2.35
N ILE A 241 -8.68 5.99 -1.14
CA ILE A 241 -8.61 4.57 -0.75
C ILE A 241 -9.82 4.21 0.12
N GLU A 242 -10.39 3.04 -0.14
CA GLU A 242 -11.56 2.58 0.59
C GLU A 242 -11.27 1.23 1.23
N PHE A 243 -11.51 1.18 2.54
CA PHE A 243 -11.16 0.03 3.36
C PHE A 243 -12.17 -0.15 4.48
N ASP A 244 -12.08 -1.29 5.16
CA ASP A 244 -12.88 -1.59 6.33
C ASP A 244 -11.98 -2.24 7.37
N ILE A 245 -12.39 -2.19 8.64
CA ILE A 245 -11.69 -2.89 9.70
C ILE A 245 -12.67 -3.82 10.41
N PRO A 246 -12.41 -5.13 10.35
CA PRO A 246 -13.33 -6.14 10.90
C PRO A 246 -13.21 -6.30 12.42
N ASP A 247 -12.44 -5.44 13.08
CA ASP A 247 -12.39 -5.47 14.54
C ASP A 247 -13.06 -4.20 15.06
N GLU A 248 -14.06 -4.39 15.93
CA GLU A 248 -14.92 -3.30 16.39
C GLU A 248 -14.17 -2.18 17.10
N ARG A 249 -13.36 -2.56 18.08
CA ARG A 249 -12.64 -1.60 18.91
C ARG A 249 -11.74 -0.75 18.04
N LEU A 250 -11.02 -1.45 17.14
CA LEU A 250 -10.06 -0.83 16.24
C LEU A 250 -10.77 0.12 15.28
N LYS A 251 -11.93 -0.30 14.79
CA LYS A 251 -12.71 0.53 13.89
C LYS A 251 -13.23 1.78 14.58
N ARG A 252 -13.65 1.64 15.84
CA ARG A 252 -14.19 2.77 16.58
C ARG A 252 -13.08 3.81 16.79
N ARG A 253 -11.90 3.33 17.20
CA ARG A 253 -10.78 4.24 17.39
C ARG A 253 -10.38 4.92 16.08
N ALA A 254 -10.23 4.12 15.02
CA ALA A 254 -9.82 4.66 13.73
C ALA A 254 -10.81 5.71 13.23
N LEU A 255 -12.09 5.43 13.41
CA LEU A 255 -13.14 6.36 13.01
C LEU A 255 -13.01 7.66 13.80
N ASN A 256 -12.70 7.53 15.10
CA ASN A 256 -12.50 8.72 15.92
C ASN A 256 -11.38 9.63 15.36
N TYR A 257 -10.20 9.03 15.21
CA TYR A 257 -9.02 9.78 14.79
C TYR A 257 -9.20 10.35 13.38
N LEU A 258 -9.84 9.59 12.50
CA LEU A 258 -10.07 10.03 11.14
C LEU A 258 -11.08 11.17 11.12
N LEU A 259 -12.06 11.11 12.01
CA LEU A 259 -13.04 12.19 12.12
C LEU A 259 -12.32 13.47 12.48
N THR A 260 -11.36 13.38 13.40
CA THR A 260 -10.55 14.57 13.72
C THR A 260 -9.69 15.01 12.50
N SER A 261 -9.21 14.03 11.76
CA SER A 261 -8.37 14.30 10.60
C SER A 261 -9.13 14.98 9.44
N SER A 262 -10.46 14.80 9.41
CA SER A 262 -11.28 15.44 8.39
C SER A 262 -11.24 16.96 8.54
N TYR A 263 -10.92 17.41 9.74
CA TYR A 263 -10.74 18.83 10.01
C TYR A 263 -9.27 19.21 9.93
N LEU A 264 -8.42 18.49 10.66
CA LEU A 264 -7.03 18.94 10.82
C LEU A 264 -6.04 18.44 9.74
N GLY A 265 -6.51 17.56 8.85
CA GLY A 265 -5.63 17.08 7.80
C GLY A 265 -4.83 15.87 8.29
N ILE A 266 -3.99 15.33 7.43
CA ILE A 266 -3.30 14.08 7.73
C ILE A 266 -1.87 14.04 7.18
N GLY A 267 -0.98 13.41 7.92
CA GLY A 267 0.39 13.33 7.47
C GLY A 267 1.23 14.50 7.95
N ARG A 268 2.30 14.76 7.21
CA ARG A 268 3.27 15.77 7.57
C ARG A 268 2.97 17.12 6.91
N SER A 269 3.32 18.20 7.60
CA SER A 269 3.23 19.56 7.07
C SER A 269 1.82 20.05 6.78
N ARG A 270 0.87 19.65 7.64
CA ARG A 270 -0.51 20.07 7.50
C ARG A 270 -0.64 21.57 7.71
N GLY A 271 0.31 22.13 8.46
CA GLY A 271 0.29 23.54 8.80
C GLY A 271 0.44 24.46 7.60
N ILE A 272 0.88 23.90 6.48
CA ILE A 272 1.00 24.67 5.25
C ILE A 272 0.16 24.08 4.11
N GLY A 273 -0.76 23.18 4.43
CA GLY A 273 -1.77 22.75 3.48
C GLY A 273 -1.68 21.37 2.85
N PHE A 274 -0.76 20.53 3.34
CA PHE A 274 -0.66 19.18 2.82
C PHE A 274 -1.48 18.22 3.67
N GLY A 275 -1.97 17.15 3.05
CA GLY A 275 -2.74 16.15 3.75
C GLY A 275 -4.19 16.56 4.00
N GLU A 276 -4.72 17.40 3.13
CA GLU A 276 -6.13 17.74 3.23
C GLU A 276 -6.91 16.53 2.73
N ILE A 277 -7.83 16.05 3.56
CA ILE A 277 -8.63 14.90 3.16
C ILE A 277 -10.14 15.16 3.27
N ARG A 278 -10.89 14.37 2.52
CA ARG A 278 -12.32 14.28 2.70
C ARG A 278 -12.59 12.86 3.16
N LEU A 279 -13.46 12.73 4.14
CA LEU A 279 -13.77 11.43 4.71
C LEU A 279 -15.18 11.07 4.27
N GLU A 280 -15.30 9.91 3.64
CA GLU A 280 -16.58 9.44 3.17
C GLU A 280 -16.91 8.05 3.69
N PHE A 281 -18.17 7.70 3.59
CA PHE A 281 -18.61 6.42 4.12
C PHE A 281 -19.59 5.80 3.14
N ARG A 282 -19.69 4.48 3.16
CA ARG A 282 -20.66 3.85 2.26
C ARG A 282 -21.29 2.66 2.96
N LYS A 283 -22.62 2.57 2.90
CA LYS A 283 -23.32 1.47 3.54
C LYS A 283 -22.98 0.16 2.85
N ILE A 284 -23.04 -0.93 3.59
CA ILE A 284 -22.63 -2.24 3.10
C ILE A 284 -23.45 -2.73 1.90
N MET C 1 22.63 -26.97 -1.52
CA MET C 1 22.05 -28.31 -1.47
C MET C 1 20.65 -28.39 -2.10
N PRO C 2 19.72 -27.47 -1.77
CA PRO C 2 18.46 -27.63 -2.50
C PRO C 2 18.53 -26.98 -3.88
N LEU C 3 17.68 -27.45 -4.79
CA LEU C 3 17.69 -26.98 -6.17
C LEU C 3 16.28 -26.56 -6.57
N ILE C 4 16.19 -25.66 -7.54
CA ILE C 4 14.90 -25.31 -8.11
C ILE C 4 14.89 -25.71 -9.57
N PHE C 5 13.86 -26.45 -9.95
CA PHE C 5 13.63 -26.82 -11.34
C PHE C 5 12.56 -25.91 -11.89
N LYS C 6 12.84 -25.31 -13.04
CA LYS C 6 11.87 -24.49 -13.73
C LYS C 6 11.74 -24.99 -15.16
N ILE C 7 10.60 -25.60 -15.47
CA ILE C 7 10.35 -26.15 -16.79
C ILE C 7 9.25 -25.34 -17.48
N GLY C 8 9.59 -24.83 -18.67
CA GLY C 8 8.61 -24.16 -19.51
C GLY C 8 8.08 -25.15 -20.52
N TYR C 9 6.75 -25.16 -20.65
CA TYR C 9 6.05 -26.11 -21.49
C TYR C 9 5.25 -25.39 -22.55
N ASN C 10 5.16 -26.00 -23.72
CA ASN C 10 4.20 -25.61 -24.72
C ASN C 10 3.10 -26.65 -24.67
N VAL C 11 1.85 -26.20 -24.58
CA VAL C 11 0.73 -27.11 -24.45
C VAL C 11 -0.26 -26.90 -25.60
N ILE C 12 -0.45 -27.92 -26.43
CA ILE C 12 -1.41 -27.81 -27.52
C ILE C 12 -2.51 -28.84 -27.34
N PRO C 13 -3.74 -28.37 -27.23
CA PRO C 13 -4.92 -29.24 -27.08
C PRO C 13 -5.29 -29.85 -28.43
N LEU C 14 -5.33 -31.18 -28.49
CA LEU C 14 -5.58 -31.87 -29.75
C LEU C 14 -7.05 -31.91 -30.17
N GLN C 15 -7.83 -30.99 -29.62
CA GLN C 15 -9.23 -30.82 -29.96
C GLN C 15 -9.70 -29.48 -29.43
N ASP C 16 -10.86 -29.03 -29.88
CA ASP C 16 -11.49 -27.83 -29.31
C ASP C 16 -11.78 -28.18 -27.86
N VAL C 17 -11.39 -27.31 -26.94
CA VAL C 17 -11.49 -27.59 -25.50
C VAL C 17 -12.01 -26.44 -24.68
N ILE C 18 -12.67 -26.76 -23.58
CA ILE C 18 -13.07 -25.75 -22.63
C ILE C 18 -12.29 -25.95 -21.33
N LEU C 19 -11.61 -24.91 -20.86
CA LEU C 19 -10.67 -25.06 -19.75
C LEU C 19 -11.31 -25.10 -18.36
N PRO C 20 -10.71 -25.90 -17.46
CA PRO C 20 -11.12 -25.99 -16.05
C PRO C 20 -10.68 -24.76 -15.27
N THR C 21 -11.32 -24.53 -14.13
CA THR C 21 -10.98 -23.43 -13.24
C THR C 21 -10.41 -24.05 -11.97
N PRO C 22 -9.13 -23.77 -11.65
CA PRO C 22 -8.24 -22.94 -12.47
C PRO C 22 -7.56 -23.78 -13.56
N SER C 23 -6.97 -23.12 -14.55
CA SER C 23 -6.39 -23.80 -15.70
C SER C 23 -5.23 -24.73 -15.34
N SER C 24 -4.46 -24.33 -14.31
CA SER C 24 -3.31 -25.10 -13.85
C SER C 24 -3.68 -26.56 -13.62
N LYS C 25 -4.96 -26.79 -13.33
CA LYS C 25 -5.49 -28.10 -13.00
C LYS C 25 -5.10 -29.10 -14.05
N VAL C 26 -5.14 -28.66 -15.31
CA VAL C 26 -4.86 -29.57 -16.42
C VAL C 26 -3.51 -30.20 -16.19
N LEU C 27 -2.49 -29.36 -16.07
CA LEU C 27 -1.14 -29.87 -15.99
C LEU C 27 -1.02 -30.59 -14.65
N LYS C 28 -1.76 -30.07 -13.66
CA LYS C 28 -1.73 -30.63 -12.33
C LYS C 28 -2.17 -32.08 -12.42
N TYR C 29 -3.25 -32.31 -13.17
CA TYR C 29 -3.80 -33.65 -13.30
C TYR C 29 -2.72 -34.63 -13.74
N LEU C 30 -1.92 -34.19 -14.71
CA LEU C 30 -0.93 -35.06 -15.31
C LEU C 30 0.05 -35.53 -14.24
N ILE C 31 0.49 -34.61 -13.37
CA ILE C 31 1.46 -34.97 -12.34
C ILE C 31 0.82 -35.91 -11.34
N GLN C 32 -0.46 -35.70 -11.06
CA GLN C 32 -1.17 -36.60 -10.17
C GLN C 32 -1.26 -37.98 -10.83
N SER C 33 -1.58 -37.99 -12.12
CA SER C 33 -1.76 -39.25 -12.82
C SER C 33 -0.42 -39.91 -13.13
N GLY C 34 0.65 -39.24 -12.72
CA GLY C 34 2.00 -39.77 -12.86
C GLY C 34 2.41 -39.86 -14.31
N LYS C 35 1.58 -39.31 -15.19
CA LYS C 35 1.82 -39.38 -16.61
C LYS C 35 3.06 -38.54 -16.96
N LEU C 36 3.30 -37.49 -16.19
CA LEU C 36 4.56 -36.75 -16.30
C LEU C 36 5.09 -36.33 -14.93
N ILE C 37 6.38 -36.58 -14.71
CA ILE C 37 7.04 -36.33 -13.42
C ILE C 37 6.23 -36.86 -12.21
N PRO C 38 6.10 -38.19 -12.10
CA PRO C 38 5.24 -38.78 -11.06
C PRO C 38 5.77 -38.51 -9.64
N SER C 39 7.08 -38.39 -9.51
CA SER C 39 7.71 -38.23 -8.21
C SER C 39 7.61 -36.81 -7.65
N LEU C 40 6.53 -36.12 -8.02
CA LEU C 40 6.22 -34.83 -7.41
C LEU C 40 4.85 -34.94 -6.76
N LYS C 41 4.26 -36.13 -6.84
CA LYS C 41 2.90 -36.34 -6.30
C LYS C 41 2.83 -35.86 -4.86
N ASP C 42 3.81 -36.28 -4.06
CA ASP C 42 3.91 -35.91 -2.66
C ASP C 42 3.82 -34.39 -2.52
N LEU C 43 4.67 -33.69 -3.27
CA LEU C 43 4.75 -32.25 -3.19
C LEU C 43 3.45 -31.60 -3.63
N ILE C 44 2.76 -32.23 -4.58
CA ILE C 44 1.48 -31.74 -5.05
C ILE C 44 0.43 -31.98 -3.97
N THR C 45 0.55 -33.11 -3.28
CA THR C 45 -0.42 -33.49 -2.28
C THR C 45 -0.15 -32.78 -0.96
N SER C 46 1.09 -32.34 -0.78
CA SER C 46 1.53 -31.74 0.47
C SER C 46 0.66 -30.57 0.88
N ARG C 47 0.40 -30.48 2.18
CA ARG C 47 -0.44 -29.45 2.77
C ARG C 47 0.41 -28.49 3.59
N ASP C 48 1.73 -28.62 3.44
CA ASP C 48 2.67 -27.85 4.23
C ASP C 48 2.65 -26.40 3.83
N LYS C 49 2.80 -25.53 4.83
CA LYS C 49 2.75 -24.09 4.60
C LYS C 49 3.95 -23.67 3.76
N TYR C 50 3.69 -22.86 2.74
CA TYR C 50 4.74 -22.27 1.91
C TYR C 50 5.59 -23.32 1.18
N LYS C 51 4.97 -24.41 0.76
CA LYS C 51 5.70 -25.49 0.08
C LYS C 51 6.23 -25.01 -1.26
N PRO C 52 7.46 -25.42 -1.60
CA PRO C 52 8.12 -24.87 -2.80
C PRO C 52 7.64 -25.54 -4.08
N ILE C 53 6.40 -25.28 -4.46
CA ILE C 53 5.94 -25.71 -5.78
C ILE C 53 4.93 -24.73 -6.37
N PHE C 54 5.15 -24.41 -7.65
CA PHE C 54 4.31 -23.50 -8.40
C PHE C 54 4.01 -24.13 -9.76
N ILE C 55 2.73 -24.27 -10.08
CA ILE C 55 2.35 -24.70 -11.42
C ILE C 55 1.39 -23.63 -11.97
N SER C 56 1.82 -22.97 -13.05
CA SER C 56 1.15 -21.75 -13.50
C SER C 56 -0.19 -22.02 -14.14
N HIS C 57 -0.92 -20.94 -14.36
CA HIS C 57 -2.09 -21.02 -15.20
C HIS C 57 -1.58 -21.07 -16.62
N LEU C 58 -2.41 -21.58 -17.51
CA LEU C 58 -2.18 -21.38 -18.92
C LEU C 58 -2.54 -19.90 -19.03
N GLY C 59 -1.86 -19.12 -19.87
CA GLY C 59 -0.82 -19.62 -20.72
C GLY C 59 -1.14 -19.37 -22.19
N PHE C 60 -1.04 -18.11 -22.60
CA PHE C 60 -1.17 -17.76 -24.02
C PHE C 60 -0.04 -16.83 -24.43
N ASN C 61 -0.34 -15.61 -24.88
CA ASN C 61 0.68 -14.73 -25.38
C ASN C 61 1.21 -14.03 -24.15
N GLN C 62 2.47 -14.31 -23.74
CA GLN C 62 3.11 -13.67 -22.58
C GLN C 62 2.14 -13.07 -21.49
N ARG C 63 0.91 -13.57 -21.42
CA ARG C 63 -0.09 -13.23 -20.40
C ARG C 63 -0.93 -14.46 -20.04
N ARG C 64 -1.12 -14.68 -18.74
CA ARG C 64 -1.92 -15.80 -18.25
C ARG C 64 -3.40 -15.62 -18.56
N ILE C 65 -4.13 -16.71 -18.73
CA ILE C 65 -5.56 -16.61 -19.02
C ILE C 65 -6.30 -16.19 -17.75
N PHE C 66 -7.01 -15.07 -17.84
CA PHE C 66 -7.76 -14.57 -16.71
C PHE C 66 -9.09 -15.32 -16.67
N GLN C 67 -9.29 -16.09 -15.60
CA GLN C 67 -10.53 -16.83 -15.42
C GLN C 67 -11.33 -16.31 -14.24
N LYS C 73 -16.20 -19.29 -23.57
CA LYS C 73 -15.00 -19.31 -22.76
C LYS C 73 -14.10 -20.41 -23.24
N THR C 74 -14.39 -20.87 -24.45
CA THR C 74 -13.68 -22.00 -25.03
C THR C 74 -12.44 -21.54 -25.79
N ILE C 75 -11.51 -22.47 -25.99
CA ILE C 75 -10.28 -22.21 -26.74
C ILE C 75 -10.14 -23.25 -27.86
N THR C 76 -9.69 -22.81 -29.03
CA THR C 76 -9.69 -23.68 -30.22
C THR C 76 -8.58 -24.76 -30.22
N LYS C 77 -8.81 -25.80 -31.02
CA LYS C 77 -7.93 -26.96 -31.13
C LYS C 77 -6.51 -26.60 -31.55
N GLY C 78 -6.38 -25.57 -32.37
CA GLY C 78 -5.06 -25.22 -32.87
C GLY C 78 -4.18 -24.53 -31.84
N SER C 79 -4.80 -23.88 -30.86
CA SER C 79 -4.09 -22.91 -30.01
C SER C 79 -2.85 -23.44 -29.34
N ARG C 80 -1.84 -22.59 -29.29
CA ARG C 80 -0.59 -22.90 -28.62
C ARG C 80 -0.56 -22.18 -27.28
N LEU C 81 -0.71 -22.97 -26.24
CA LEU C 81 -0.80 -22.46 -24.88
C LEU C 81 0.57 -22.63 -24.23
N SER C 82 0.80 -21.91 -23.15
CA SER C 82 2.08 -22.00 -22.45
C SER C 82 1.83 -22.38 -21.00
N SER C 83 2.81 -23.03 -20.39
CA SER C 83 2.72 -23.28 -18.97
C SER C 83 4.11 -23.26 -18.38
N ILE C 84 4.21 -23.03 -17.08
CA ILE C 84 5.51 -23.05 -16.43
C ILE C 84 5.37 -23.75 -15.07
N ILE C 85 6.38 -24.54 -14.72
CA ILE C 85 6.39 -25.27 -13.46
C ILE C 85 7.70 -25.00 -12.75
N ALA C 86 7.63 -24.70 -11.45
CA ALA C 86 8.82 -24.53 -10.65
C ALA C 86 8.65 -25.36 -9.39
N PHE C 87 9.74 -25.97 -8.91
CA PHE C 87 9.64 -26.78 -7.70
C PHE C 87 11.00 -27.06 -7.07
N SER C 88 10.97 -27.46 -5.81
CA SER C 88 12.17 -27.92 -5.12
C SER C 88 11.84 -29.16 -4.30
N THR C 89 12.65 -30.21 -4.47
CA THR C 89 12.52 -31.44 -3.70
C THR C 89 13.89 -32.09 -3.55
N GLN C 90 14.10 -32.84 -2.47
CA GLN C 90 15.37 -33.52 -2.27
C GLN C 90 15.42 -34.85 -3.01
N ALA C 91 14.26 -35.33 -3.44
CA ALA C 91 14.17 -36.56 -4.22
C ALA C 91 14.88 -36.37 -5.56
N ASN C 92 15.30 -37.47 -6.16
CA ASN C 92 15.90 -37.41 -7.49
C ASN C 92 14.82 -37.52 -8.55
N VAL C 93 14.70 -36.47 -9.35
CA VAL C 93 13.63 -36.36 -10.32
C VAL C 93 14.27 -36.04 -11.67
N LEU C 94 15.60 -35.95 -11.68
CA LEU C 94 16.37 -35.51 -12.84
C LEU C 94 16.01 -36.27 -14.12
N SER C 95 15.79 -37.57 -13.99
CA SER C 95 15.43 -38.39 -15.15
C SER C 95 14.02 -38.07 -15.65
N GLU C 96 13.15 -37.65 -14.74
CA GLU C 96 11.72 -37.45 -15.02
C GLU C 96 11.37 -36.11 -15.67
N VAL C 97 12.24 -35.11 -15.54
CA VAL C 97 11.88 -33.73 -15.90
C VAL C 97 11.61 -33.53 -17.39
N ALA C 98 12.19 -34.39 -18.23
CA ALA C 98 12.09 -34.22 -19.68
C ALA C 98 10.84 -34.87 -20.26
N ASP C 99 9.97 -35.37 -19.38
CA ASP C 99 8.74 -36.05 -19.80
C ASP C 99 7.82 -35.16 -20.61
N GLU C 100 7.31 -35.70 -21.71
CA GLU C 100 6.42 -34.97 -22.60
C GLU C 100 5.67 -35.94 -23.53
N GLY C 101 4.74 -35.42 -24.32
CA GLY C 101 4.03 -36.25 -25.28
C GLY C 101 2.55 -35.94 -25.38
N ILE C 102 1.79 -36.88 -25.94
CA ILE C 102 0.34 -36.75 -26.01
C ILE C 102 -0.27 -37.41 -24.78
N PHE C 103 -1.27 -36.76 -24.19
CA PHE C 103 -1.89 -37.28 -22.98
C PHE C 103 -3.41 -37.15 -23.02
N GLU C 104 -4.07 -38.04 -22.28
CA GLU C 104 -5.52 -38.03 -22.17
C GLU C 104 -5.89 -37.46 -20.82
N THR C 105 -6.76 -36.45 -20.82
CA THR C 105 -7.23 -35.84 -19.59
C THR C 105 -8.74 -35.78 -19.67
N VAL C 106 -9.39 -35.55 -18.52
CA VAL C 106 -10.84 -35.41 -18.48
C VAL C 106 -11.21 -34.17 -19.31
N TYR C 107 -10.32 -33.18 -19.26
CA TYR C 107 -10.52 -31.91 -19.95
C TYR C 107 -10.26 -32.05 -21.46
N GLY C 108 -9.56 -33.11 -21.85
CA GLY C 108 -9.37 -33.40 -23.25
C GLY C 108 -8.04 -34.07 -23.59
N LYS C 109 -7.73 -34.12 -24.88
CA LYS C 109 -6.46 -34.67 -25.33
C LYS C 109 -5.50 -33.49 -25.46
N PHE C 110 -4.25 -33.69 -25.06
CA PHE C 110 -3.30 -32.58 -25.08
C PHE C 110 -1.92 -33.01 -25.56
N HIS C 111 -1.23 -32.11 -26.25
CA HIS C 111 0.16 -32.37 -26.64
C HIS C 111 1.06 -31.50 -25.78
N ILE C 112 1.85 -32.13 -24.92
CA ILE C 112 2.77 -31.38 -24.08
C ILE C 112 4.18 -31.51 -24.63
N MET C 113 4.79 -30.38 -24.96
CA MET C 113 6.15 -30.34 -25.48
C MET C 113 6.95 -29.32 -24.69
N ILE C 114 8.12 -29.72 -24.23
CA ILE C 114 8.99 -28.85 -23.47
C ILE C 114 9.58 -27.76 -24.34
N GLU C 115 9.57 -26.52 -23.84
CA GLU C 115 10.26 -25.44 -24.52
C GLU C 115 11.51 -25.08 -23.74
N SER C 116 11.48 -25.27 -22.43
CA SER C 116 12.64 -24.87 -21.63
C SER C 116 12.83 -25.63 -20.32
N ILE C 117 14.07 -25.70 -19.88
CA ILE C 117 14.44 -26.29 -18.60
C ILE C 117 15.59 -25.51 -17.96
N GLU C 118 15.42 -25.09 -16.70
CA GLU C 118 16.46 -24.38 -15.97
C GLU C 118 16.63 -25.01 -14.60
N ILE C 119 17.89 -25.22 -14.20
CA ILE C 119 18.15 -25.80 -12.89
C ILE C 119 19.02 -24.83 -12.09
N VAL C 120 18.55 -24.51 -10.89
CA VAL C 120 19.14 -23.45 -10.10
C VAL C 120 19.61 -24.01 -8.77
N GLU C 121 20.87 -23.76 -8.44
CA GLU C 121 21.38 -24.08 -7.11
C GLU C 121 21.14 -22.83 -6.29
N VAL C 122 20.41 -22.96 -5.18
CA VAL C 122 19.97 -21.77 -4.45
C VAL C 122 21.11 -21.02 -3.79
N GLU C 123 22.18 -21.73 -3.44
CA GLU C 123 23.34 -21.11 -2.82
C GLU C 123 23.97 -20.15 -3.83
N LYS C 124 23.86 -20.47 -5.11
CA LYS C 124 24.45 -19.67 -6.18
C LYS C 124 23.67 -18.37 -6.43
N LEU C 125 22.44 -18.31 -5.95
CA LEU C 125 21.60 -17.13 -6.18
C LEU C 125 22.13 -15.88 -5.47
N LYS C 126 22.87 -16.06 -4.37
CA LYS C 126 23.52 -14.93 -3.72
C LYS C 126 24.44 -14.21 -4.71
N GLU C 127 25.00 -14.95 -5.67
CA GLU C 127 25.93 -14.36 -6.61
C GLU C 127 25.21 -13.28 -7.41
N GLU C 128 23.95 -13.54 -7.74
CA GLU C 128 23.17 -12.55 -8.47
C GLU C 128 22.86 -11.33 -7.61
N VAL C 129 22.73 -11.55 -6.31
CA VAL C 129 22.32 -10.49 -5.37
C VAL C 129 23.24 -9.28 -5.48
N GLU C 130 24.54 -9.52 -5.42
CA GLU C 130 25.51 -8.44 -5.39
C GLU C 130 25.44 -7.63 -6.68
N LYS C 131 24.97 -8.25 -7.75
CA LYS C 131 24.91 -7.60 -9.05
C LYS C 131 23.78 -6.58 -9.11
N HIS C 132 22.88 -6.64 -8.13
CA HIS C 132 21.71 -5.77 -8.12
C HIS C 132 21.63 -4.86 -6.89
N MET C 133 22.68 -4.82 -6.07
CA MET C 133 22.63 -4.07 -4.82
C MET C 133 22.58 -2.55 -5.01
N ASN C 134 22.67 -2.11 -6.25
CA ASN C 134 22.54 -0.69 -6.57
C ASN C 134 21.50 -0.43 -7.65
N ASP C 135 20.51 -1.33 -7.73
CA ASP C 135 19.40 -1.16 -8.65
C ASP C 135 18.08 -0.98 -7.90
N ASN C 136 17.10 -0.36 -8.56
CA ASN C 136 15.75 -0.32 -8.06
C ASN C 136 15.04 -1.61 -8.45
N ILE C 137 14.17 -2.08 -7.56
CA ILE C 137 13.51 -3.37 -7.72
C ILE C 137 12.06 -3.23 -8.16
N ARG C 138 11.69 -3.91 -9.25
CA ARG C 138 10.31 -3.93 -9.70
C ARG C 138 9.76 -5.33 -9.59
N VAL C 139 8.70 -5.47 -8.81
CA VAL C 139 8.01 -6.74 -8.70
C VAL C 139 6.75 -6.62 -9.52
N ARG C 140 6.57 -7.54 -10.47
CA ARG C 140 5.40 -7.50 -11.33
C ARG C 140 4.60 -8.77 -11.13
N PHE C 141 3.34 -8.62 -10.77
CA PHE C 141 2.48 -9.78 -10.53
C PHE C 141 1.76 -10.11 -11.84
N VAL C 142 2.16 -11.23 -12.45
CA VAL C 142 1.66 -11.59 -13.78
C VAL C 142 0.51 -12.59 -13.69
N SER C 143 0.27 -13.09 -12.49
CA SER C 143 -0.94 -13.82 -12.17
C SER C 143 -1.51 -13.19 -10.91
N PRO C 144 -2.82 -13.34 -10.67
CA PRO C 144 -3.40 -12.71 -9.48
C PRO C 144 -2.70 -13.20 -8.23
N THR C 145 -2.26 -12.26 -7.40
CA THR C 145 -1.45 -12.61 -6.24
C THR C 145 -2.27 -12.46 -4.95
N LEU C 146 -2.20 -13.49 -4.11
CA LEU C 146 -3.01 -13.53 -2.89
C LEU C 146 -2.09 -13.40 -1.67
N LEU C 147 -2.01 -12.19 -1.14
CA LEU C 147 -1.14 -11.90 0.00
C LEU C 147 -1.98 -11.64 1.25
N SER C 148 -1.90 -12.55 2.22
CA SER C 148 -2.65 -12.40 3.46
C SER C 148 -2.02 -11.31 4.30
N SER C 149 -2.82 -10.35 4.72
CA SER C 149 -2.34 -9.23 5.52
C SER C 149 -1.79 -9.71 6.86
N LYS C 150 -2.39 -10.78 7.38
CA LYS C 150 -2.01 -11.33 8.67
C LYS C 150 -0.60 -11.92 8.69
N VAL C 151 0.08 -11.92 7.55
CA VAL C 151 1.48 -12.33 7.51
C VAL C 151 2.30 -11.30 8.29
N LEU C 152 1.76 -10.09 8.43
CA LEU C 152 2.43 -9.09 9.27
C LEU C 152 1.66 -8.81 10.56
N LEU C 153 0.88 -9.80 11.00
CA LEU C 153 0.28 -9.77 12.34
C LEU C 153 1.35 -10.11 13.35
N PRO C 154 1.36 -9.42 14.49
CA PRO C 154 2.26 -9.86 15.57
C PRO C 154 1.88 -11.28 15.99
N PRO C 155 2.84 -12.22 15.90
CA PRO C 155 2.58 -13.65 16.05
C PRO C 155 1.94 -14.03 17.39
N SER C 156 2.19 -13.24 18.42
CA SER C 156 1.62 -13.47 19.75
C SER C 156 0.11 -13.24 19.73
N LEU C 157 -0.35 -12.46 18.76
CA LEU C 157 -1.76 -12.10 18.68
C LEU C 157 -2.56 -13.03 17.76
N SER C 158 -1.93 -14.10 17.25
CA SER C 158 -2.60 -14.97 16.28
C SER C 158 -3.85 -15.59 16.88
N GLU C 159 -3.68 -16.19 18.05
CA GLU C 159 -4.79 -16.80 18.77
C GLU C 159 -5.95 -15.86 18.94
N ARG C 160 -5.66 -14.66 19.42
CA ARG C 160 -6.69 -13.69 19.76
C ARG C 160 -7.58 -13.29 18.56
N TYR C 161 -6.95 -13.08 17.40
CA TYR C 161 -7.68 -12.60 16.23
C TYR C 161 -7.85 -13.69 15.17
N LYS C 162 -7.85 -14.95 15.61
CA LYS C 162 -7.98 -16.11 14.72
C LYS C 162 -9.27 -16.06 13.90
N LYS C 163 -10.36 -15.62 14.53
CA LYS C 163 -11.66 -15.64 13.89
C LYS C 163 -11.87 -14.41 13.01
N ILE C 164 -10.85 -13.57 12.91
CA ILE C 164 -10.89 -12.41 12.04
C ILE C 164 -10.36 -12.75 10.66
N HIS C 165 -11.17 -12.52 9.64
CA HIS C 165 -10.77 -12.78 8.27
C HIS C 165 -10.46 -11.46 7.58
N ALA C 166 -9.20 -11.04 7.69
CA ALA C 166 -8.77 -9.78 7.08
C ALA C 166 -8.70 -9.96 5.57
N GLY C 167 -8.30 -11.14 5.13
CA GLY C 167 -8.21 -11.43 3.71
C GLY C 167 -6.92 -11.00 3.06
N TYR C 168 -6.99 -10.70 1.77
CA TYR C 168 -5.79 -10.42 0.97
C TYR C 168 -5.63 -8.93 0.76
N SER C 169 -4.38 -8.46 0.87
CA SER C 169 -4.11 -7.05 0.65
C SER C 169 -4.18 -6.78 -0.85
N THR C 170 -5.12 -5.93 -1.26
CA THR C 170 -5.22 -5.55 -2.66
C THR C 170 -4.27 -4.38 -2.90
N LEU C 171 -3.60 -3.94 -1.85
CA LEU C 171 -2.62 -2.86 -1.94
C LEU C 171 -1.41 -3.27 -1.12
N PRO C 172 -0.58 -4.15 -1.68
CA PRO C 172 0.50 -4.81 -0.95
C PRO C 172 1.58 -3.83 -0.53
N SER C 173 2.05 -3.98 0.71
CA SER C 173 3.20 -3.21 1.16
C SER C 173 4.44 -4.02 0.81
N VAL C 174 5.59 -3.35 0.72
CA VAL C 174 6.86 -4.00 0.45
C VAL C 174 7.15 -5.05 1.52
N GLY C 175 6.97 -4.66 2.78
CA GLY C 175 7.21 -5.53 3.91
C GLY C 175 6.47 -6.85 3.81
N LEU C 176 5.22 -6.78 3.35
CA LEU C 176 4.39 -7.98 3.21
C LEU C 176 4.95 -8.92 2.14
N ILE C 177 5.38 -8.33 1.03
CA ILE C 177 5.96 -9.06 -0.10
C ILE C 177 7.25 -9.77 0.33
N VAL C 178 8.17 -9.01 0.93
CA VAL C 178 9.46 -9.58 1.33
C VAL C 178 9.34 -10.53 2.53
N ALA C 179 8.28 -10.36 3.33
CA ALA C 179 8.02 -11.29 4.43
C ALA C 179 7.51 -12.62 3.89
N TYR C 180 6.69 -12.55 2.85
CA TYR C 180 6.20 -13.76 2.21
C TYR C 180 7.37 -14.50 1.56
N ALA C 181 8.18 -13.73 0.82
CA ALA C 181 9.36 -14.30 0.19
C ALA C 181 10.25 -14.93 1.24
N TYR C 182 10.36 -14.27 2.40
CA TYR C 182 11.16 -14.79 3.50
C TYR C 182 10.61 -16.10 4.05
N ASN C 183 9.29 -16.21 4.15
CA ASN C 183 8.67 -17.44 4.65
C ASN C 183 8.90 -18.62 3.68
N VAL C 184 8.68 -18.35 2.40
CA VAL C 184 8.85 -19.39 1.37
C VAL C 184 10.31 -19.82 1.32
N TYR C 185 11.21 -18.83 1.40
CA TYR C 185 12.64 -19.10 1.40
C TYR C 185 13.08 -19.91 2.60
N CYS C 186 12.57 -19.57 3.77
CA CYS C 186 12.93 -20.29 5.00
C CYS C 186 12.43 -21.73 4.96
N ASN C 187 11.20 -21.93 4.51
CA ASN C 187 10.69 -23.29 4.31
C ASN C 187 11.52 -24.05 3.28
N LEU C 188 12.06 -23.33 2.31
CA LEU C 188 12.83 -23.94 1.23
C LEU C 188 14.11 -24.59 1.73
N ILE C 189 14.84 -23.89 2.60
CA ILE C 189 16.12 -24.38 3.09
C ILE C 189 16.00 -25.00 4.48
N GLY C 190 14.78 -25.39 4.85
CA GLY C 190 14.55 -26.14 6.07
C GLY C 190 14.78 -25.40 7.36
N LYS C 191 14.81 -24.07 7.29
CA LYS C 191 14.89 -23.26 8.50
C LYS C 191 13.46 -23.07 8.99
N LYS C 192 13.17 -23.53 10.19
CA LYS C 192 11.79 -23.68 10.61
C LYS C 192 11.39 -22.79 11.78
N GLU C 193 10.10 -22.47 11.85
CA GLU C 193 9.55 -21.64 12.91
C GLU C 193 10.23 -20.27 12.97
N VAL C 194 9.96 -19.42 11.98
CA VAL C 194 10.60 -18.11 11.89
C VAL C 194 9.58 -16.96 11.90
N GLU C 195 8.41 -17.20 12.48
CA GLU C 195 7.32 -16.23 12.48
C GLU C 195 7.74 -14.85 12.98
N VAL C 196 8.44 -14.81 14.12
CA VAL C 196 8.85 -13.55 14.71
C VAL C 196 9.84 -12.79 13.81
N ARG C 197 10.84 -13.51 13.30
CA ARG C 197 11.83 -12.89 12.42
C ARG C 197 11.23 -12.41 11.11
N ALA C 198 10.27 -13.17 10.58
CA ALA C 198 9.57 -12.78 9.37
C ALA C 198 8.78 -11.50 9.61
N PHE C 199 8.03 -11.48 10.71
CA PHE C 199 7.22 -10.33 11.10
C PHE C 199 8.06 -9.07 11.24
N LYS C 200 9.13 -9.19 12.02
CA LYS C 200 10.04 -8.06 12.24
C LYS C 200 10.67 -7.60 10.94
N PHE C 201 10.98 -8.57 10.08
CA PHE C 201 11.62 -8.27 8.81
C PHE C 201 10.69 -7.43 7.93
N GLY C 202 9.41 -7.83 7.87
CA GLY C 202 8.45 -7.10 7.08
C GLY C 202 8.16 -5.71 7.63
N ILE C 203 8.00 -5.62 8.95
CA ILE C 203 7.70 -4.35 9.60
C ILE C 203 8.82 -3.35 9.35
N LEU C 204 10.06 -3.81 9.57
CA LEU C 204 11.22 -2.97 9.37
C LEU C 204 11.34 -2.59 7.91
N SER C 205 11.05 -3.55 7.03
CA SER C 205 11.19 -3.35 5.60
C SER C 205 10.25 -2.26 5.08
N ASN C 206 8.96 -2.34 5.38
CA ASN C 206 8.09 -1.27 4.89
C ASN C 206 8.18 0.00 5.72
N ALA C 207 8.85 -0.07 6.87
CA ALA C 207 9.20 1.15 7.58
C ALA C 207 10.38 1.88 6.93
N LEU C 208 11.25 1.14 6.25
CA LEU C 208 12.47 1.73 5.70
C LEU C 208 12.52 1.84 4.19
N SER C 209 11.73 1.04 3.48
CA SER C 209 11.80 1.03 2.02
C SER C 209 11.18 2.30 1.44
N ARG C 210 11.60 2.65 0.22
CA ARG C 210 11.06 3.80 -0.48
C ARG C 210 10.36 3.29 -1.73
N ILE C 211 9.07 3.63 -1.86
CA ILE C 211 8.33 3.21 -3.04
C ILE C 211 8.48 4.24 -4.16
N ILE C 212 9.13 3.83 -5.24
CA ILE C 212 9.40 4.71 -6.37
C ILE C 212 8.14 4.91 -7.19
N GLY C 213 7.51 3.81 -7.58
CA GLY C 213 6.32 3.91 -8.41
C GLY C 213 5.47 2.66 -8.35
N TYR C 214 4.24 2.73 -8.87
CA TYR C 214 3.39 1.54 -8.93
C TYR C 214 2.25 1.70 -9.92
N ASP C 215 1.72 0.57 -10.35
CA ASP C 215 0.48 0.53 -11.12
C ASP C 215 -0.19 -0.76 -10.66
N LEU C 216 -1.02 -0.62 -9.63
CA LEU C 216 -1.60 -1.76 -8.94
C LEU C 216 -3.12 -1.70 -9.14
N HIS C 217 -3.74 -2.85 -9.37
CA HIS C 217 -5.20 -2.89 -9.36
C HIS C 217 -5.67 -4.15 -8.68
N PRO C 218 -6.79 -4.04 -7.94
CA PRO C 218 -7.45 -5.20 -7.34
C PRO C 218 -8.04 -6.02 -8.46
N VAL C 219 -8.04 -7.34 -8.35
CA VAL C 219 -8.63 -8.19 -9.37
C VAL C 219 -9.43 -9.26 -8.65
N THR C 220 -10.59 -9.58 -9.20
CA THR C 220 -11.43 -10.63 -8.64
C THR C 220 -11.10 -11.92 -9.37
N VAL C 221 -10.79 -12.97 -8.61
CA VAL C 221 -10.30 -14.19 -9.21
C VAL C 221 -11.22 -15.38 -8.89
N ALA C 222 -11.29 -16.30 -9.83
CA ALA C 222 -12.12 -17.50 -9.69
C ALA C 222 -11.22 -18.70 -9.43
N ILE C 223 -11.68 -19.58 -8.54
CA ILE C 223 -11.02 -20.85 -8.30
C ILE C 223 -12.10 -21.92 -8.40
N GLY C 224 -11.68 -23.18 -8.46
CA GLY C 224 -12.57 -24.27 -8.81
C GLY C 224 -13.86 -24.50 -8.05
N GLU C 225 -14.39 -25.70 -8.24
CA GLU C 225 -15.62 -26.08 -7.58
C GLU C 225 -15.27 -27.32 -6.76
N ASP C 226 -16.15 -27.69 -5.85
CA ASP C 226 -15.91 -28.86 -5.01
C ASP C 226 -17.23 -29.49 -4.58
N SER C 227 -17.34 -30.80 -4.80
CA SER C 227 -18.54 -31.57 -4.45
C SER C 227 -19.84 -30.92 -4.91
N GLY C 229 -21.54 -27.77 -7.28
CA GLY C 229 -20.87 -27.68 -5.99
C GLY C 229 -20.50 -26.26 -5.61
N ASN C 230 -19.79 -26.13 -4.49
CA ASN C 230 -19.46 -24.82 -3.95
C ASN C 230 -18.31 -24.14 -4.68
N LEU C 231 -18.63 -23.06 -5.40
CA LEU C 231 -17.62 -22.33 -6.15
C LEU C 231 -16.68 -21.58 -5.21
N ARG C 232 -15.52 -21.21 -5.75
CA ARG C 232 -14.53 -20.46 -4.99
C ARG C 232 -14.19 -19.16 -5.70
N LYS C 233 -14.07 -18.09 -4.93
CA LYS C 233 -13.70 -16.80 -5.48
C LYS C 233 -12.88 -16.06 -4.44
N ALA C 234 -12.13 -15.06 -4.90
CA ALA C 234 -11.30 -14.28 -3.98
C ALA C 234 -10.93 -12.96 -4.61
N ARG C 235 -10.26 -12.11 -3.83
CA ARG C 235 -9.72 -10.86 -4.34
C ARG C 235 -8.22 -10.78 -4.13
N GLY C 236 -7.51 -10.37 -5.17
CA GLY C 236 -6.08 -10.28 -5.09
C GLY C 236 -5.61 -9.03 -5.81
N VAL C 237 -4.33 -8.98 -6.16
CA VAL C 237 -3.79 -7.80 -6.81
C VAL C 237 -3.01 -8.21 -8.05
N MET C 238 -3.03 -7.35 -9.06
CA MET C 238 -2.15 -7.52 -10.21
C MET C 238 -1.55 -6.16 -10.52
N GLY C 239 -0.53 -6.14 -11.35
CA GLY C 239 0.12 -4.90 -11.71
C GLY C 239 1.57 -4.97 -11.32
N TRP C 240 2.20 -3.83 -11.04
CA TRP C 240 3.61 -3.84 -10.65
C TRP C 240 3.91 -2.77 -9.61
N ILE C 241 5.04 -2.95 -8.93
CA ILE C 241 5.48 -1.98 -7.93
C ILE C 241 7.00 -1.88 -7.96
N GLU C 242 7.51 -0.66 -7.89
CA GLU C 242 8.95 -0.40 -7.93
C GLU C 242 9.37 0.34 -6.69
N PHE C 243 10.37 -0.21 -6.03
CA PHE C 243 10.83 0.29 -4.74
C PHE C 243 12.34 0.14 -4.57
N ASP C 244 12.86 0.77 -3.51
CA ASP C 244 14.27 0.65 -3.13
C ASP C 244 14.34 0.50 -1.61
N ILE C 245 15.44 -0.04 -1.11
CA ILE C 245 15.69 -0.12 0.32
C ILE C 245 17.03 0.54 0.62
N PRO C 246 17.00 1.62 1.41
CA PRO C 246 18.19 2.41 1.74
C PRO C 246 19.06 1.78 2.83
N ASP C 247 18.73 0.55 3.23
CA ASP C 247 19.60 -0.19 4.13
C ASP C 247 20.20 -1.40 3.41
N GLU C 248 21.53 -1.49 3.42
CA GLU C 248 22.25 -2.50 2.66
C GLU C 248 21.91 -3.95 3.06
N ARG C 249 21.94 -4.24 4.35
CA ARG C 249 21.69 -5.60 4.84
C ARG C 249 20.29 -6.09 4.44
N LEU C 250 19.32 -5.22 4.68
CA LEU C 250 17.92 -5.51 4.41
C LEU C 250 17.71 -5.72 2.92
N LYS C 251 18.39 -4.90 2.11
CA LYS C 251 18.31 -5.03 0.66
C LYS C 251 18.91 -6.35 0.20
N ARG C 252 19.98 -6.77 0.85
CA ARG C 252 20.66 -8.01 0.48
C ARG C 252 19.74 -9.21 0.73
N ARG C 253 19.17 -9.23 1.92
CA ARG C 253 18.25 -10.30 2.29
C ARG C 253 17.02 -10.32 1.38
N ALA C 254 16.43 -9.15 1.18
CA ALA C 254 15.24 -9.00 0.35
C ALA C 254 15.51 -9.46 -1.07
N LEU C 255 16.68 -9.10 -1.59
CA LEU C 255 17.05 -9.52 -2.94
C LEU C 255 17.17 -11.04 -3.02
N ASN C 256 17.75 -11.65 -1.99
CA ASN C 256 17.84 -13.12 -1.98
C ASN C 256 16.45 -13.77 -2.05
N TYR C 257 15.58 -13.38 -1.12
CA TYR C 257 14.28 -14.00 -0.99
C TYR C 257 13.42 -13.78 -2.24
N LEU C 258 13.52 -12.59 -2.82
CA LEU C 258 12.75 -12.27 -4.02
C LEU C 258 13.30 -13.06 -5.20
N LEU C 259 14.60 -13.27 -5.21
CA LEU C 259 15.22 -14.09 -6.25
C LEU C 259 14.61 -15.48 -6.20
N THR C 260 14.43 -16.04 -5.00
CA THR C 260 13.78 -17.35 -4.91
C THR C 260 12.30 -17.29 -5.36
N SER C 261 11.63 -16.20 -5.00
CA SER C 261 10.20 -16.06 -5.32
C SER C 261 9.94 -15.89 -6.83
N SER C 262 10.95 -15.43 -7.57
CA SER C 262 10.83 -15.29 -9.02
C SER C 262 10.66 -16.67 -9.67
N TYR C 263 11.07 -17.72 -8.96
CA TYR C 263 10.85 -19.08 -9.40
C TYR C 263 9.59 -19.62 -8.76
N LEU C 264 9.52 -19.52 -7.43
CA LEU C 264 8.47 -20.23 -6.69
C LEU C 264 7.17 -19.46 -6.51
N GLY C 265 7.17 -18.19 -6.91
CA GLY C 265 5.96 -17.40 -6.79
C GLY C 265 5.84 -16.77 -5.43
N ILE C 266 4.76 -16.02 -5.19
CA ILE C 266 4.62 -15.25 -3.97
C ILE C 266 3.17 -15.21 -3.51
N GLY C 267 2.96 -15.19 -2.20
CA GLY C 267 1.61 -15.16 -1.67
C GLY C 267 1.03 -16.55 -1.48
N ARG C 268 -0.30 -16.61 -1.43
CA ARG C 268 -1.02 -17.84 -1.13
C ARG C 268 -1.42 -18.61 -2.39
N SER C 269 -1.44 -19.93 -2.28
CA SER C 269 -1.89 -20.82 -3.35
C SER C 269 -1.02 -20.80 -4.62
N ARG C 270 0.29 -20.71 -4.45
CA ARG C 270 1.22 -20.74 -5.58
C ARG C 270 1.15 -22.09 -6.28
N GLY C 271 0.72 -23.12 -5.55
CA GLY C 271 0.66 -24.47 -6.09
C GLY C 271 -0.36 -24.65 -7.20
N ILE C 272 -1.26 -23.68 -7.35
CA ILE C 272 -2.26 -23.73 -8.40
C ILE C 272 -2.17 -22.52 -9.35
N GLY C 273 -1.05 -21.80 -9.29
CA GLY C 273 -0.76 -20.77 -10.28
C GLY C 273 -0.89 -19.32 -9.86
N PHE C 274 -1.06 -19.07 -8.57
CA PHE C 274 -1.15 -17.70 -8.09
C PHE C 274 0.18 -17.14 -7.57
N GLY C 275 0.33 -15.82 -7.70
CA GLY C 275 1.52 -15.16 -7.21
C GLY C 275 2.71 -15.33 -8.11
N GLU C 276 2.47 -15.51 -9.40
CA GLU C 276 3.58 -15.59 -10.34
C GLU C 276 4.10 -14.18 -10.52
N ILE C 277 5.41 -14.00 -10.29
CA ILE C 277 6.00 -12.68 -10.45
C ILE C 277 7.18 -12.68 -11.40
N ARG C 278 7.45 -11.51 -11.96
CA ARG C 278 8.69 -11.26 -12.67
C ARG C 278 9.40 -10.21 -11.85
N LEU C 279 10.71 -10.39 -11.72
CA LEU C 279 11.51 -9.45 -10.96
C LEU C 279 12.36 -8.71 -11.98
N GLU C 280 12.25 -7.39 -11.98
CA GLU C 280 12.99 -6.55 -12.91
C GLU C 280 13.82 -5.56 -12.14
N PHE C 281 14.79 -4.97 -12.81
CA PHE C 281 15.71 -4.08 -12.13
C PHE C 281 15.99 -2.84 -12.97
N ARG C 282 16.41 -1.77 -12.30
CA ARG C 282 16.71 -0.52 -12.98
C ARG C 282 17.95 0.12 -12.41
N LYS C 283 18.81 0.65 -13.28
CA LYS C 283 20.00 1.33 -12.81
C LYS C 283 19.55 2.58 -12.04
N ILE C 284 20.30 2.91 -10.99
CA ILE C 284 19.96 4.04 -10.12
C ILE C 284 20.08 5.38 -10.87
#